data_4MJ6
#
_entry.id   4MJ6
#
_cell.length_a   54.993
_cell.length_b   65.052
_cell.length_c   109.739
_cell.angle_alpha   90.00
_cell.angle_beta   90.00
_cell.angle_gamma   90.00
#
_symmetry.space_group_name_H-M   'P 21 21 21'
#
loop_
_entity.id
_entity.type
_entity.pdbx_description
1 polymer 'HLA class I histocompatibility antigen, A-11 alpha chain'
2 polymer Beta-2-microglobulin
3 polymer Nucleoprotein
4 water water
#
loop_
_entity_poly.entity_id
_entity_poly.type
_entity_poly.pdbx_seq_one_letter_code
_entity_poly.pdbx_strand_id
1 'polypeptide(L)'
;GSHSMRYFYTSVSRPGRGEPRFIAVGYVDDTQFVRFDSDAASQRMEPRAPWIEQEGPEYWDQETRNVKAQSQTDRVDLGT
LRGYYNQSEDGSHTIQIMYGCDVGPDGRFLRGYRQDAYDGKDYIALNEDLRSWTAADMAAQITKRKWEAAHAAEQQRAYL
EGRCVEWLRRYLENGKETLQRTDPPKTHMTHHPISDHEATLRCWALGFYPAEITLTWQRDGEDQTQDTELVETRPAGDGT
FQKWAAVVVPSGEEQRYTCHVQHEGLPKPLTLRW
;
A
2 'polypeptide(L)'
;MIQRTPKIQVYSRHPAENGKSNFLNCYVSGFHPSDIEVDLLKNGERIEKVEHSDLSFSKDWSFYLLYYTEFTPTEKDEYA
CRVNHVTLSQPKIVKWDRDM
;
B
3 'polypeptide(L)' TMVMELIRMIK C
#
# COMPACT_ATOMS: atom_id res chain seq x y z
N GLY A 1 4.74 9.68 18.56
CA GLY A 1 5.71 10.14 17.58
C GLY A 1 5.04 10.85 16.43
N SER A 2 5.66 10.79 15.25
CA SER A 2 5.13 11.45 14.06
C SER A 2 3.98 10.67 13.44
N HIS A 3 3.05 11.37 12.80
CA HIS A 3 1.93 10.72 12.12
C HIS A 3 1.70 11.33 10.73
N SER A 4 0.97 10.60 9.90
CA SER A 4 0.70 11.06 8.53
C SER A 4 -0.73 10.81 8.09
N MET A 5 -1.23 11.67 7.21
CA MET A 5 -2.47 11.39 6.50
C MET A 5 -2.14 11.36 5.03
N ARG A 6 -2.84 10.50 4.28
CA ARG A 6 -2.54 10.30 2.88
C ARG A 6 -3.78 9.94 2.11
N TYR A 7 -3.96 10.57 0.97
CA TYR A 7 -5.03 10.20 0.05
C TYR A 7 -4.39 9.74 -1.25
N PHE A 8 -4.92 8.65 -1.80
CA PHE A 8 -4.44 8.10 -3.06
C PHE A 8 -5.60 7.97 -4.03
N TYR A 9 -5.51 8.67 -5.16
CA TYR A 9 -6.51 8.53 -6.21
C TYR A 9 -5.91 7.77 -7.40
N THR A 10 -6.73 6.93 -8.03
CA THR A 10 -6.33 6.18 -9.21
C THR A 10 -7.46 6.21 -10.24
N SER A 11 -7.21 6.84 -11.38
CA SER A 11 -8.20 6.87 -12.46
C SER A 11 -7.66 6.14 -13.68
N VAL A 12 -8.34 5.05 -14.05
CA VAL A 12 -7.92 4.27 -15.20
C VAL A 12 -8.94 4.36 -16.33
N SER A 13 -8.51 4.86 -17.48
CA SER A 13 -9.40 4.99 -18.62
C SER A 13 -9.62 3.63 -19.25
N ARG A 14 -10.84 3.39 -19.71
CA ARG A 14 -11.18 2.16 -20.40
C ARG A 14 -11.98 2.51 -21.65
N PRO A 15 -11.27 2.76 -22.77
CA PRO A 15 -11.85 3.19 -24.04
C PRO A 15 -12.85 2.19 -24.58
N GLY A 16 -14.08 2.64 -24.86
CA GLY A 16 -15.12 1.76 -25.35
C GLY A 16 -15.90 1.11 -24.22
N ARG A 17 -15.18 0.52 -23.25
CA ARG A 17 -15.81 -0.11 -22.10
C ARG A 17 -16.75 0.84 -21.36
N GLY A 18 -16.46 2.14 -21.46
CA GLY A 18 -17.29 3.16 -20.85
C GLY A 18 -16.50 4.30 -20.21
N GLU A 19 -16.91 4.67 -18.99
CA GLU A 19 -16.32 5.80 -18.28
C GLU A 19 -15.19 5.33 -17.36
N PRO A 20 -14.11 6.13 -17.26
CA PRO A 20 -12.92 5.85 -16.45
C PRO A 20 -13.23 5.41 -15.02
N ARG A 21 -12.64 4.28 -14.62
CA ARG A 21 -12.77 3.82 -13.25
C ARG A 21 -11.99 4.76 -12.34
N PHE A 22 -12.58 5.07 -11.19
CA PHE A 22 -11.96 5.97 -10.23
C PHE A 22 -11.95 5.30 -8.86
N ILE A 23 -10.77 5.18 -8.26
CA ILE A 23 -10.62 4.59 -6.93
C ILE A 23 -9.93 5.58 -5.98
N ALA A 24 -10.51 5.78 -4.80
CA ALA A 24 -9.93 6.69 -3.83
C ALA A 24 -9.80 6.02 -2.47
N VAL A 25 -8.64 6.17 -1.84
CA VAL A 25 -8.44 5.63 -0.50
C VAL A 25 -7.72 6.64 0.39
N GLY A 26 -8.07 6.64 1.67
CA GLY A 26 -7.45 7.53 2.63
C GLY A 26 -6.79 6.71 3.72
N TYR A 27 -5.64 7.20 4.18
CA TYR A 27 -4.90 6.52 5.22
C TYR A 27 -4.51 7.48 6.33
N VAL A 28 -4.61 7.02 7.57
CA VAL A 28 -3.86 7.63 8.65
C VAL A 28 -2.79 6.61 9.01
N ASP A 29 -1.53 7.02 8.90
CA ASP A 29 -0.40 6.12 9.02
C ASP A 29 -0.62 4.89 8.13
N ASP A 30 -0.52 3.71 8.73
CA ASP A 30 -0.68 2.46 7.99
C ASP A 30 -2.10 1.93 8.11
N THR A 31 -3.05 2.83 8.35
CA THR A 31 -4.43 2.45 8.57
C THR A 31 -5.33 3.13 7.55
N GLN A 32 -6.04 2.34 6.75
CA GLN A 32 -7.01 2.88 5.81
C GLN A 32 -8.32 3.19 6.54
N PHE A 33 -8.91 4.35 6.27
CA PHE A 33 -10.13 4.73 6.97
C PHE A 33 -11.30 5.10 6.05
N VAL A 34 -11.02 5.46 4.80
CA VAL A 34 -12.09 5.70 3.83
C VAL A 34 -11.82 5.10 2.46
N ARG A 35 -12.80 5.21 1.57
CA ARG A 35 -12.78 4.50 0.30
C ARG A 35 -13.87 5.03 -0.62
N PHE A 36 -13.57 5.12 -1.91
CA PHE A 36 -14.60 5.42 -2.92
C PHE A 36 -14.33 4.63 -4.20
N ASP A 37 -15.40 4.06 -4.75
CA ASP A 37 -15.30 3.25 -5.95
C ASP A 37 -16.36 3.68 -6.96
N SER A 38 -15.92 4.10 -8.15
CA SER A 38 -16.84 4.54 -9.19
C SER A 38 -17.78 3.41 -9.60
N ASP A 39 -17.24 2.20 -9.68
CA ASP A 39 -18.02 1.05 -10.12
C ASP A 39 -18.89 0.43 -9.03
N ALA A 40 -18.72 0.90 -7.79
CA ALA A 40 -19.51 0.37 -6.68
C ALA A 40 -20.92 0.98 -6.65
N ALA A 41 -21.83 0.33 -5.93
CA ALA A 41 -23.24 0.68 -5.96
C ALA A 41 -23.55 2.02 -5.29
N SER A 42 -23.04 2.22 -4.08
CA SER A 42 -23.44 3.33 -3.22
C SER A 42 -23.20 4.72 -3.80
N GLN A 43 -22.07 4.90 -4.46
CA GLN A 43 -21.66 6.21 -4.98
C GLN A 43 -21.44 7.24 -3.86
N ARG A 44 -20.88 6.76 -2.75
CA ARG A 44 -20.61 7.60 -1.60
C ARG A 44 -19.21 7.31 -1.08
N MET A 45 -18.66 8.21 -0.27
CA MET A 45 -17.44 7.91 0.45
C MET A 45 -17.81 6.99 1.61
N GLU A 46 -17.13 5.86 1.69
CA GLU A 46 -17.45 4.84 2.68
C GLU A 46 -16.42 4.78 3.80
N PRO A 47 -16.87 4.51 5.03
CA PRO A 47 -15.94 4.32 6.16
C PRO A 47 -15.21 2.99 6.00
N ARG A 48 -13.96 2.94 6.44
CA ARG A 48 -13.19 1.69 6.39
C ARG A 48 -12.45 1.42 7.69
N ALA A 49 -12.73 2.27 8.68
CA ALA A 49 -12.21 2.13 10.04
C ALA A 49 -13.31 2.60 10.99
N PRO A 50 -13.38 2.01 12.20
CA PRO A 50 -14.47 2.30 13.14
C PRO A 50 -14.55 3.75 13.61
N TRP A 51 -13.39 4.36 13.86
CA TRP A 51 -13.33 5.69 14.44
C TRP A 51 -13.75 6.83 13.52
N ILE A 52 -13.93 6.54 12.23
CA ILE A 52 -14.39 7.55 11.27
C ILE A 52 -15.92 7.56 11.20
N GLU A 53 -16.55 6.52 11.74
CA GLU A 53 -18.01 6.40 11.70
C GLU A 53 -18.74 7.35 12.66
N GLN A 54 -17.99 8.03 13.53
CA GLN A 54 -18.61 9.01 14.41
C GLN A 54 -18.73 10.37 13.73
N GLU A 55 -18.33 10.42 12.47
CA GLU A 55 -18.53 11.61 11.63
C GLU A 55 -19.94 11.61 11.06
N GLY A 56 -20.65 12.73 11.22
CA GLY A 56 -22.03 12.86 10.77
C GLY A 56 -22.19 12.98 9.27
N PRO A 57 -23.46 13.07 8.81
CA PRO A 57 -23.88 13.13 7.40
C PRO A 57 -23.26 14.27 6.61
N GLU A 58 -22.92 15.37 7.27
CA GLU A 58 -22.35 16.52 6.58
C GLU A 58 -20.95 16.20 6.08
N TYR A 59 -20.16 15.55 6.93
CA TYR A 59 -18.84 15.05 6.58
C TYR A 59 -18.92 14.16 5.35
N TRP A 60 -19.76 13.13 5.42
CA TRP A 60 -19.92 12.17 4.32
C TRP A 60 -20.40 12.82 3.02
N ASP A 61 -21.22 13.86 3.13
CA ASP A 61 -21.67 14.63 1.97
C ASP A 61 -20.54 15.43 1.35
N GLN A 62 -19.75 16.08 2.21
CA GLN A 62 -18.62 16.87 1.76
C GLN A 62 -17.55 15.99 1.08
N GLU A 63 -17.20 14.88 1.72
CA GLU A 63 -16.17 13.98 1.19
C GLU A 63 -16.59 13.32 -0.12
N THR A 64 -17.89 13.04 -0.24
CA THR A 64 -18.42 12.42 -1.46
C THR A 64 -18.44 13.40 -2.64
N ARG A 65 -18.72 14.68 -2.36
CA ARG A 65 -18.73 15.67 -3.42
C ARG A 65 -17.32 16.09 -3.82
N ASN A 66 -16.40 16.01 -2.87
CA ASN A 66 -15.00 16.34 -3.14
C ASN A 66 -14.32 15.24 -3.94
N VAL A 67 -14.74 14.01 -3.68
CA VAL A 67 -14.13 12.85 -4.31
C VAL A 67 -14.77 12.57 -5.67
N LYS A 68 -16.02 13.01 -5.84
CA LYS A 68 -16.67 12.91 -7.15
C LYS A 68 -16.12 14.00 -8.03
N ALA A 69 -15.83 15.15 -7.41
CA ALA A 69 -15.22 16.28 -8.09
C ALA A 69 -13.93 15.82 -8.72
N GLN A 70 -13.02 15.33 -7.88
CA GLN A 70 -11.72 14.84 -8.29
C GLN A 70 -11.82 13.81 -9.41
N SER A 71 -12.86 12.97 -9.37
CA SER A 71 -13.05 11.93 -10.38
C SER A 71 -13.30 12.54 -11.75
N GLN A 72 -14.01 13.67 -11.78
CA GLN A 72 -14.36 14.32 -13.03
C GLN A 72 -13.20 15.15 -13.57
N THR A 73 -12.38 15.65 -12.66
CA THR A 73 -11.15 16.33 -13.04
C THR A 73 -10.19 15.38 -13.75
N ASP A 74 -10.00 14.19 -13.19
CA ASP A 74 -9.16 13.17 -13.80
C ASP A 74 -9.71 12.75 -15.15
N ARG A 75 -11.04 12.77 -15.29
CA ARG A 75 -11.69 12.43 -16.54
C ARG A 75 -11.18 13.30 -17.69
N VAL A 76 -11.29 14.61 -17.55
CA VAL A 76 -10.87 15.51 -18.61
C VAL A 76 -9.35 15.57 -18.74
N ASP A 77 -8.65 15.38 -17.61
CA ASP A 77 -7.19 15.33 -17.59
C ASP A 77 -6.65 14.13 -18.38
N LEU A 78 -7.41 13.03 -18.33
CA LEU A 78 -7.06 11.81 -19.05
C LEU A 78 -7.05 12.11 -20.55
N GLY A 79 -8.07 12.84 -21.00
CA GLY A 79 -8.18 13.24 -22.39
C GLY A 79 -7.04 14.16 -22.78
N THR A 80 -6.86 15.22 -21.99
CA THR A 80 -5.81 16.19 -22.21
C THR A 80 -4.43 15.55 -22.35
N LEU A 81 -4.04 14.73 -21.36
CA LEU A 81 -2.71 14.12 -21.33
C LEU A 81 -2.49 13.14 -22.48
N ARG A 82 -3.55 12.48 -22.92
CA ARG A 82 -3.51 11.65 -24.11
C ARG A 82 -3.12 12.51 -25.32
N GLY A 83 -3.63 13.74 -25.34
CA GLY A 83 -3.32 14.68 -26.40
C GLY A 83 -1.90 15.20 -26.32
N TYR A 84 -1.42 15.44 -25.11
CA TYR A 84 -0.05 15.91 -24.90
C TYR A 84 0.93 14.89 -25.47
N TYR A 85 0.63 13.61 -25.24
CA TYR A 85 1.54 12.53 -25.60
C TYR A 85 1.21 11.90 -26.96
N ASN A 86 0.29 12.50 -27.70
CA ASN A 86 -0.12 11.99 -29.01
C ASN A 86 -0.44 10.51 -29.01
N GLN A 87 -1.26 10.08 -28.05
CA GLN A 87 -1.59 8.66 -27.91
C GLN A 87 -2.92 8.34 -28.57
N SER A 88 -3.09 7.08 -28.97
CA SER A 88 -4.31 6.65 -29.64
C SER A 88 -5.53 6.68 -28.72
N GLU A 89 -6.71 6.74 -29.32
CA GLU A 89 -7.96 6.82 -28.60
C GLU A 89 -8.31 5.48 -27.96
N ASP A 90 -7.73 4.41 -28.48
CA ASP A 90 -8.10 3.06 -28.06
C ASP A 90 -7.14 2.45 -27.04
N GLY A 91 -6.38 3.29 -26.35
CA GLY A 91 -5.48 2.82 -25.32
C GLY A 91 -5.91 3.22 -23.91
N SER A 92 -5.74 2.30 -22.97
CA SER A 92 -6.05 2.57 -21.56
C SER A 92 -4.88 3.27 -20.88
N HIS A 93 -5.18 4.30 -20.09
CA HIS A 93 -4.13 5.05 -19.42
C HIS A 93 -4.49 5.40 -17.97
N THR A 94 -3.46 5.63 -17.15
CA THR A 94 -3.64 5.78 -15.71
C THR A 94 -3.11 7.09 -15.14
N ILE A 95 -4.01 7.88 -14.54
CA ILE A 95 -3.61 9.01 -13.71
C ILE A 95 -3.64 8.59 -12.24
N GLN A 96 -2.55 8.88 -11.51
CA GLN A 96 -2.49 8.58 -10.08
C GLN A 96 -2.11 9.85 -9.34
N ILE A 97 -2.84 10.17 -8.27
CA ILE A 97 -2.55 11.36 -7.48
C ILE A 97 -2.37 11.00 -6.00
N MET A 98 -1.42 11.68 -5.36
CA MET A 98 -1.17 11.49 -3.94
C MET A 98 -0.95 12.84 -3.28
N TYR A 99 -1.68 13.09 -2.20
CA TYR A 99 -1.35 14.22 -1.33
C TYR A 99 -1.58 13.86 0.13
N GLY A 100 -1.09 14.71 1.03
CA GLY A 100 -1.22 14.47 2.45
C GLY A 100 -0.20 15.22 3.27
N CYS A 101 -0.26 15.04 4.59
CA CYS A 101 0.57 15.82 5.49
C CYS A 101 1.23 14.97 6.56
N ASP A 102 2.32 15.50 7.13
CA ASP A 102 2.96 14.89 8.28
C ASP A 102 2.87 15.86 9.45
N VAL A 103 2.65 15.33 10.65
CA VAL A 103 2.69 16.14 11.87
C VAL A 103 3.66 15.54 12.89
N GLY A 104 4.18 16.40 13.77
CA GLY A 104 5.08 15.95 14.83
C GLY A 104 4.33 15.38 16.02
N PRO A 105 5.09 14.95 17.04
CA PRO A 105 4.49 14.43 18.27
C PRO A 105 3.61 15.47 18.95
N ASP A 106 3.89 16.74 18.68
CA ASP A 106 3.09 17.84 19.19
C ASP A 106 1.94 18.20 18.25
N GLY A 107 1.81 17.46 17.15
CA GLY A 107 0.75 17.70 16.19
C GLY A 107 1.03 18.87 15.27
N ARG A 108 2.23 19.42 15.38
CA ARG A 108 2.63 20.54 14.54
C ARG A 108 3.02 20.08 13.13
N PHE A 109 2.58 20.85 12.12
CA PHE A 109 2.86 20.56 10.71
C PHE A 109 4.35 20.37 10.43
N LEU A 110 4.68 19.25 9.82
CA LEU A 110 6.07 18.94 9.44
C LEU A 110 6.28 19.05 7.93
N ARG A 111 5.46 18.33 7.16
CA ARG A 111 5.62 18.29 5.70
C ARG A 111 4.29 18.16 4.95
N GLY A 112 4.28 18.71 3.74
CA GLY A 112 3.16 18.54 2.83
C GLY A 112 3.60 17.85 1.55
N TYR A 113 2.70 17.08 0.96
CA TYR A 113 2.99 16.35 -0.26
C TYR A 113 1.89 16.56 -1.28
N ARG A 114 2.28 16.68 -2.56
CA ARG A 114 1.33 16.65 -3.66
C ARG A 114 2.06 16.20 -4.92
N GLN A 115 1.68 15.02 -5.43
CA GLN A 115 2.38 14.40 -6.55
C GLN A 115 1.41 13.69 -7.47
N ASP A 116 1.65 13.81 -8.78
CA ASP A 116 0.82 13.16 -9.79
C ASP A 116 1.65 12.26 -10.71
N ALA A 117 1.03 11.20 -11.21
CA ALA A 117 1.71 10.28 -12.12
C ALA A 117 0.87 9.99 -13.36
N TYR A 118 1.55 9.80 -14.49
CA TYR A 118 0.87 9.30 -15.67
C TYR A 118 1.52 7.99 -16.12
N ASP A 119 0.69 6.96 -16.24
CA ASP A 119 1.14 5.62 -16.65
C ASP A 119 2.28 5.09 -15.78
N GLY A 120 2.15 5.27 -14.46
CA GLY A 120 3.09 4.68 -13.52
C GLY A 120 4.40 5.40 -13.29
N LYS A 121 4.57 6.56 -13.92
CA LYS A 121 5.78 7.35 -13.74
C LYS A 121 5.44 8.82 -13.42
N ASP A 122 6.38 9.49 -12.76
CA ASP A 122 6.19 10.88 -12.34
C ASP A 122 5.66 11.77 -13.45
N TYR A 123 4.73 12.64 -13.11
CA TYR A 123 4.25 13.64 -14.04
C TYR A 123 4.60 15.03 -13.52
N ILE A 124 3.96 15.43 -12.44
CA ILE A 124 4.20 16.72 -11.81
C ILE A 124 4.17 16.57 -10.28
N ALA A 125 4.95 17.39 -9.58
CA ALA A 125 5.00 17.30 -8.12
C ALA A 125 5.25 18.63 -7.43
N LEU A 126 4.54 18.86 -6.33
CA LEU A 126 4.76 20.04 -5.51
C LEU A 126 6.12 19.91 -4.84
N ASN A 127 6.80 21.02 -4.61
CA ASN A 127 8.10 21.01 -3.98
C ASN A 127 8.05 21.14 -2.46
N GLU A 128 9.19 21.00 -1.80
CA GLU A 128 9.27 21.13 -0.34
C GLU A 128 8.87 22.54 0.12
N ASP A 129 9.01 23.51 -0.78
CA ASP A 129 8.69 24.90 -0.47
C ASP A 129 7.20 25.20 -0.64
N LEU A 130 6.44 24.20 -1.03
CA LEU A 130 4.99 24.29 -1.17
C LEU A 130 4.56 25.49 -2.05
N ARG A 131 5.42 25.82 -2.99
CA ARG A 131 5.26 27.03 -3.77
C ARG A 131 5.56 26.81 -5.25
N SER A 132 6.59 26.02 -5.54
CA SER A 132 6.95 25.73 -6.92
C SER A 132 6.60 24.30 -7.30
N TRP A 133 6.54 24.03 -8.60
CA TRP A 133 6.24 22.69 -9.12
C TRP A 133 7.46 22.08 -9.80
N THR A 134 7.47 20.75 -9.90
CA THR A 134 8.48 20.07 -10.70
C THR A 134 7.83 19.23 -11.78
N ALA A 135 8.11 19.55 -13.04
CA ALA A 135 7.61 18.80 -14.18
C ALA A 135 8.61 17.71 -14.60
N ALA A 136 8.09 16.51 -14.88
CA ALA A 136 8.93 15.37 -15.23
C ALA A 136 9.40 15.43 -16.68
N ASP A 137 8.54 15.95 -17.54
CA ASP A 137 8.84 16.02 -18.97
C ASP A 137 8.22 17.26 -19.60
N MET A 138 8.04 17.23 -20.91
CA MET A 138 7.52 18.40 -21.63
C MET A 138 6.02 18.54 -21.52
N ALA A 139 5.31 17.40 -21.52
CA ALA A 139 3.87 17.42 -21.32
C ALA A 139 3.53 18.02 -19.96
N ALA A 140 4.32 17.69 -18.95
CA ALA A 140 4.07 18.15 -17.59
C ALA A 140 4.40 19.63 -17.44
N GLN A 141 5.21 20.15 -18.38
CA GLN A 141 5.58 21.56 -18.35
C GLN A 141 4.39 22.43 -18.75
N ILE A 142 3.54 21.89 -19.62
CA ILE A 142 2.31 22.56 -20.03
C ILE A 142 1.33 22.65 -18.86
N THR A 143 1.23 21.55 -18.10
CA THR A 143 0.38 21.52 -16.93
C THR A 143 0.94 22.47 -15.87
N LYS A 144 2.26 22.53 -15.78
CA LYS A 144 2.97 23.38 -14.83
C LYS A 144 2.72 24.87 -15.05
N ARG A 145 2.55 25.27 -16.31
CA ARG A 145 2.24 26.67 -16.63
C ARG A 145 0.79 27.03 -16.30
N LYS A 146 -0.13 26.09 -16.57
CA LYS A 146 -1.53 26.29 -16.22
C LYS A 146 -1.67 26.46 -14.71
N TRP A 147 -0.99 25.58 -13.97
CA TRP A 147 -1.05 25.59 -12.51
C TRP A 147 -0.41 26.84 -11.92
N GLU A 148 0.64 27.32 -12.57
CA GLU A 148 1.27 28.57 -12.17
C GLU A 148 0.28 29.73 -12.32
N ALA A 149 -0.40 29.78 -13.46
CA ALA A 149 -1.32 30.86 -13.78
C ALA A 149 -2.59 30.86 -12.92
N ALA A 150 -2.96 29.68 -12.44
CA ALA A 150 -4.18 29.52 -11.65
C ALA A 150 -3.87 29.55 -10.16
N HIS A 151 -2.59 29.66 -9.83
CA HIS A 151 -2.11 29.70 -8.44
C HIS A 151 -2.59 28.49 -7.65
N ALA A 152 -2.39 27.33 -8.24
CA ALA A 152 -2.79 26.07 -7.63
C ALA A 152 -1.95 25.75 -6.39
N ALA A 153 -0.65 26.05 -6.46
CA ALA A 153 0.27 25.77 -5.37
C ALA A 153 -0.15 26.44 -4.06
N GLU A 154 -0.77 27.61 -4.17
CA GLU A 154 -1.22 28.32 -2.99
C GLU A 154 -2.39 27.57 -2.38
N GLN A 155 -3.26 27.05 -3.25
CA GLN A 155 -4.39 26.23 -2.84
C GLN A 155 -3.91 24.95 -2.17
N GLN A 156 -2.94 24.31 -2.82
CA GLN A 156 -2.33 23.10 -2.28
C GLN A 156 -1.78 23.32 -0.88
N ARG A 157 -1.01 24.39 -0.73
CA ARG A 157 -0.34 24.70 0.55
C ARG A 157 -1.36 25.07 1.62
N ALA A 158 -2.39 25.82 1.23
CA ALA A 158 -3.45 26.21 2.15
C ALA A 158 -4.15 24.99 2.74
N TYR A 159 -4.38 23.98 1.91
CA TYR A 159 -4.98 22.73 2.38
C TYR A 159 -4.02 21.92 3.27
N LEU A 160 -2.82 21.65 2.74
CA LEU A 160 -1.83 20.82 3.44
C LEU A 160 -1.47 21.35 4.83
N GLU A 161 -1.47 22.68 4.98
CA GLU A 161 -1.13 23.32 6.25
C GLU A 161 -2.33 23.57 7.16
N GLY A 162 -3.53 23.39 6.63
CA GLY A 162 -4.74 23.68 7.39
C GLY A 162 -5.65 22.48 7.59
N ARG A 163 -6.66 22.37 6.72
CA ARG A 163 -7.64 21.30 6.78
C ARG A 163 -7.00 19.94 7.00
N CYS A 164 -5.93 19.66 6.25
CA CYS A 164 -5.25 18.36 6.33
C CYS A 164 -4.70 18.05 7.72
N VAL A 165 -3.92 18.97 8.29
CA VAL A 165 -3.29 18.72 9.59
C VAL A 165 -4.29 18.71 10.73
N GLU A 166 -5.31 19.55 10.67
CA GLU A 166 -6.23 19.62 11.80
C GLU A 166 -7.17 18.43 11.80
N TRP A 167 -7.44 17.89 10.62
CA TRP A 167 -8.24 16.67 10.54
C TRP A 167 -7.38 15.44 10.83
N LEU A 168 -6.09 15.56 10.57
CA LEU A 168 -5.16 14.51 10.98
C LEU A 168 -5.20 14.42 12.49
N ARG A 169 -5.09 15.59 13.14
CA ARG A 169 -5.07 15.69 14.59
C ARG A 169 -6.39 15.22 15.20
N ARG A 170 -7.49 15.51 14.52
CA ARG A 170 -8.80 15.07 14.97
C ARG A 170 -8.88 13.54 14.99
N TYR A 171 -8.42 12.93 13.90
CA TYR A 171 -8.49 11.49 13.75
C TYR A 171 -7.64 10.77 14.79
N LEU A 172 -6.47 11.34 15.10
CA LEU A 172 -5.56 10.75 16.07
C LEU A 172 -6.14 10.75 17.49
N GLU A 173 -6.98 11.75 17.79
CA GLU A 173 -7.65 11.80 19.07
C GLU A 173 -8.85 10.85 19.07
N ASN A 174 -9.74 11.03 18.08
CA ASN A 174 -10.94 10.21 17.97
C ASN A 174 -10.67 8.72 17.80
N GLY A 175 -9.57 8.40 17.13
CA GLY A 175 -9.18 7.01 16.94
C GLY A 175 -7.97 6.64 17.75
N LYS A 176 -7.74 7.39 18.84
CA LYS A 176 -6.57 7.19 19.71
C LYS A 176 -6.33 5.74 20.11
N GLU A 177 -7.41 5.02 20.40
CA GLU A 177 -7.33 3.64 20.89
C GLU A 177 -6.88 2.66 19.80
N THR A 178 -6.74 3.16 18.58
CA THR A 178 -6.44 2.32 17.43
C THR A 178 -5.22 2.86 16.67
N LEU A 179 -5.15 4.18 16.55
CA LEU A 179 -4.10 4.81 15.74
C LEU A 179 -2.83 5.04 16.53
N GLN A 180 -2.97 5.35 17.82
CA GLN A 180 -1.81 5.74 18.63
C GLN A 180 -1.23 4.58 19.45
N ARG A 181 -1.75 3.38 19.21
CA ARG A 181 -1.19 2.17 19.82
C ARG A 181 -0.03 1.59 19.02
N THR A 182 0.94 1.02 19.72
CA THR A 182 2.05 0.32 19.06
C THR A 182 2.02 -1.16 19.47
N ASP A 183 1.78 -2.03 18.50
CA ASP A 183 1.84 -3.47 18.75
C ASP A 183 3.24 -4.00 18.45
N PRO A 184 3.91 -4.56 19.46
CA PRO A 184 5.27 -5.06 19.24
C PRO A 184 5.23 -6.41 18.53
N PRO A 185 6.24 -6.68 17.68
CA PRO A 185 6.27 -7.93 16.93
C PRO A 185 6.38 -9.16 17.83
N LYS A 186 5.65 -10.22 17.47
CA LYS A 186 5.81 -11.52 18.10
C LYS A 186 6.83 -12.28 17.28
N THR A 187 8.04 -12.42 17.82
CA THR A 187 9.13 -13.03 17.08
C THR A 187 9.25 -14.51 17.36
N HIS A 188 9.96 -15.21 16.49
CA HIS A 188 10.30 -16.63 16.63
C HIS A 188 11.17 -17.06 15.46
N MET A 189 11.90 -18.17 15.61
CA MET A 189 12.85 -18.57 14.58
C MET A 189 12.61 -19.97 14.05
N THR A 190 12.84 -20.14 12.74
CA THR A 190 12.67 -21.43 12.10
C THR A 190 13.98 -21.88 11.47
N HIS A 191 14.03 -23.15 11.09
CA HIS A 191 15.26 -23.79 10.66
C HIS A 191 14.95 -24.86 9.62
N HIS A 192 15.71 -24.86 8.54
CA HIS A 192 15.48 -25.81 7.45
C HIS A 192 16.79 -26.22 6.80
N PRO A 193 17.30 -27.41 7.15
CA PRO A 193 18.48 -27.94 6.46
C PRO A 193 18.22 -28.10 4.97
N ILE A 194 19.21 -27.70 4.16
CA ILE A 194 19.12 -27.80 2.70
C ILE A 194 19.99 -28.98 2.25
N SER A 195 20.93 -29.34 3.12
CA SER A 195 21.78 -30.50 2.93
C SER A 195 22.33 -30.88 4.29
N ASP A 196 23.18 -31.90 4.33
CA ASP A 196 23.86 -32.27 5.55
C ASP A 196 24.90 -31.21 5.91
N HIS A 197 25.16 -30.31 4.96
CA HIS A 197 26.19 -29.29 5.14
C HIS A 197 25.60 -27.93 5.48
N GLU A 198 24.48 -27.59 4.86
CA GLU A 198 23.94 -26.23 4.97
C GLU A 198 22.45 -26.18 5.33
N ALA A 199 22.10 -25.15 6.09
CA ALA A 199 20.75 -25.01 6.62
C ALA A 199 20.27 -23.57 6.62
N THR A 200 18.96 -23.37 6.54
CA THR A 200 18.35 -22.04 6.49
C THR A 200 17.88 -21.58 7.88
N LEU A 201 18.25 -20.36 8.25
CA LEU A 201 17.73 -19.73 9.44
C LEU A 201 16.80 -18.60 9.04
N ARG A 202 15.54 -18.66 9.48
CA ARG A 202 14.58 -17.63 9.16
C ARG A 202 14.03 -16.96 10.42
N CYS A 203 14.19 -15.64 10.48
CA CYS A 203 13.75 -14.86 11.64
C CYS A 203 12.41 -14.19 11.37
N TRP A 204 11.40 -14.53 12.16
CA TRP A 204 10.05 -14.00 11.97
C TRP A 204 9.68 -12.83 12.88
N ALA A 205 8.84 -11.95 12.36
CA ALA A 205 8.20 -10.90 13.14
C ALA A 205 6.75 -10.79 12.69
N LEU A 206 5.82 -10.96 13.62
CA LEU A 206 4.40 -11.00 13.30
C LEU A 206 3.58 -10.11 14.21
N GLY A 207 2.37 -9.76 13.77
CA GLY A 207 1.42 -9.03 14.57
C GLY A 207 1.86 -7.65 15.02
N PHE A 208 2.70 -6.99 14.24
CA PHE A 208 3.23 -5.68 14.64
C PHE A 208 2.57 -4.48 13.95
N TYR A 209 2.45 -3.39 14.70
CA TYR A 209 1.96 -2.13 14.18
C TYR A 209 2.75 -0.99 14.84
N PRO A 210 3.14 0.03 14.05
CA PRO A 210 2.92 0.15 12.60
C PRO A 210 3.89 -0.70 11.76
N ALA A 211 3.84 -0.50 10.44
CA ALA A 211 4.53 -1.37 9.49
C ALA A 211 6.04 -1.27 9.57
N GLU A 212 6.54 -0.10 9.94
CA GLU A 212 7.98 0.14 10.01
C GLU A 212 8.65 -0.85 10.97
N ILE A 213 9.60 -1.62 10.46
CA ILE A 213 10.35 -2.57 11.27
C ILE A 213 11.71 -2.78 10.61
N THR A 214 12.67 -3.30 11.36
CA THR A 214 13.99 -3.61 10.83
C THR A 214 14.49 -4.96 11.33
N LEU A 215 14.73 -5.88 10.39
CA LEU A 215 15.33 -7.17 10.70
C LEU A 215 16.73 -7.26 10.12
N THR A 216 17.69 -7.64 10.96
CA THR A 216 19.08 -7.79 10.54
C THR A 216 19.67 -9.08 11.08
N TRP A 217 20.56 -9.69 10.32
CA TRP A 217 21.28 -10.87 10.78
C TRP A 217 22.73 -10.47 11.11
N GLN A 218 23.31 -11.12 12.12
CA GLN A 218 24.71 -10.89 12.48
C GLN A 218 25.46 -12.18 12.80
N ARG A 219 26.47 -12.50 11.98
CA ARG A 219 27.40 -13.59 12.25
C ARG A 219 28.56 -12.99 13.03
N ASP A 220 28.77 -13.48 14.26
CA ASP A 220 29.87 -13.01 15.11
C ASP A 220 29.85 -11.51 15.39
N GLY A 221 28.66 -10.91 15.34
CA GLY A 221 28.51 -9.50 15.64
C GLY A 221 28.61 -8.58 14.44
N GLU A 222 29.22 -9.05 13.35
CA GLU A 222 29.28 -8.27 12.12
C GLU A 222 27.96 -8.43 11.35
N ASP A 223 27.49 -7.34 10.76
CA ASP A 223 26.24 -7.35 10.01
C ASP A 223 26.26 -8.35 8.86
N GLN A 224 25.08 -8.85 8.50
CA GLN A 224 24.94 -9.75 7.36
C GLN A 224 23.88 -9.18 6.42
N THR A 225 24.25 -8.98 5.17
CA THR A 225 23.36 -8.44 4.15
C THR A 225 23.78 -9.05 2.83
N GLN A 226 24.28 -10.27 2.92
CA GLN A 226 24.95 -10.93 1.82
C GLN A 226 24.44 -12.34 1.73
N ASP A 227 23.26 -12.54 2.32
CA ASP A 227 22.62 -13.83 2.35
C ASP A 227 21.19 -13.58 2.77
N THR A 228 21.01 -12.47 3.49
CA THR A 228 19.71 -12.12 4.04
C THR A 228 18.68 -11.87 2.96
N GLU A 229 17.81 -12.87 2.76
CA GLU A 229 16.63 -12.70 1.96
C GLU A 229 15.64 -11.95 2.85
N LEU A 230 15.33 -10.72 2.47
CA LEU A 230 14.31 -9.93 3.15
C LEU A 230 13.07 -9.90 2.29
N VAL A 231 11.95 -10.36 2.84
CA VAL A 231 10.68 -10.21 2.13
C VAL A 231 10.11 -8.83 2.40
N GLU A 232 9.38 -8.30 1.44
CA GLU A 232 8.66 -7.04 1.60
C GLU A 232 7.62 -7.20 2.72
N THR A 233 7.60 -6.25 3.66
CA THR A 233 6.62 -6.23 4.75
C THR A 233 5.18 -6.35 4.23
N ARG A 234 4.40 -7.24 4.85
CA ARG A 234 3.10 -7.61 4.34
C ARG A 234 1.99 -7.46 5.39
N PRO A 235 0.75 -7.22 4.93
CA PRO A 235 -0.39 -7.12 5.85
C PRO A 235 -0.94 -8.50 6.23
N ALA A 236 -1.28 -8.68 7.50
CA ALA A 236 -1.92 -9.91 7.93
C ALA A 236 -3.43 -9.85 7.69
N GLY A 237 -3.96 -8.65 7.46
CA GLY A 237 -5.37 -8.49 7.18
C GLY A 237 -6.20 -8.36 8.45
N ASP A 238 -5.57 -7.84 9.50
CA ASP A 238 -6.26 -7.62 10.76
C ASP A 238 -5.69 -6.35 11.37
N GLY A 239 -5.02 -5.57 10.54
CA GLY A 239 -4.46 -4.30 10.98
C GLY A 239 -3.01 -4.40 11.41
N THR A 240 -2.43 -5.59 11.36
CA THR A 240 -1.02 -5.78 11.71
C THR A 240 -0.19 -6.22 10.52
N PHE A 241 1.11 -6.34 10.72
CA PHE A 241 2.01 -6.67 9.63
C PHE A 241 2.98 -7.78 9.99
N GLN A 242 3.59 -8.35 8.96
CA GLN A 242 4.56 -9.43 9.11
C GLN A 242 5.82 -9.13 8.30
N LYS A 243 6.93 -9.75 8.71
CA LYS A 243 8.18 -9.72 7.93
C LYS A 243 9.12 -10.83 8.40
N TRP A 244 9.85 -11.43 7.46
CA TRP A 244 10.93 -12.34 7.84
C TRP A 244 12.23 -12.10 7.10
N ALA A 245 13.32 -12.53 7.72
CA ALA A 245 14.65 -12.44 7.15
C ALA A 245 15.34 -13.79 7.24
N ALA A 246 15.75 -14.34 6.10
CA ALA A 246 16.37 -15.66 6.10
C ALA A 246 17.86 -15.62 5.79
N VAL A 247 18.61 -16.54 6.40
CA VAL A 247 20.05 -16.64 6.14
C VAL A 247 20.45 -18.11 6.02
N VAL A 248 21.37 -18.39 5.11
CA VAL A 248 21.84 -19.76 4.90
C VAL A 248 23.20 -19.91 5.57
N VAL A 249 23.32 -20.92 6.43
CA VAL A 249 24.55 -21.12 7.17
C VAL A 249 25.08 -22.55 7.00
N PRO A 250 26.41 -22.70 7.09
CA PRO A 250 27.03 -24.02 7.22
C PRO A 250 26.58 -24.70 8.53
N SER A 251 26.01 -25.90 8.42
CA SER A 251 25.47 -26.62 9.57
C SER A 251 26.49 -26.79 10.69
N GLY A 252 26.08 -26.47 11.90
CA GLY A 252 26.93 -26.58 13.07
C GLY A 252 27.37 -25.23 13.59
N GLU A 253 27.10 -24.19 12.81
CA GLU A 253 27.58 -22.84 13.14
C GLU A 253 26.44 -21.87 13.45
N GLU A 254 25.22 -22.40 13.53
CA GLU A 254 24.04 -21.56 13.68
C GLU A 254 24.00 -20.73 14.98
N GLN A 255 24.78 -21.13 15.98
CA GLN A 255 24.83 -20.37 17.23
C GLN A 255 25.67 -19.10 17.10
N ARG A 256 26.30 -18.92 15.94
CA ARG A 256 27.08 -17.72 15.64
C ARG A 256 26.16 -16.60 15.15
N TYR A 257 25.01 -17.00 14.63
CA TYR A 257 24.09 -16.06 14.00
C TYR A 257 23.01 -15.57 14.97
N THR A 258 22.77 -14.26 14.96
CA THR A 258 21.71 -13.66 15.77
C THR A 258 20.84 -12.75 14.91
N CYS A 259 19.53 -12.85 15.09
CA CYS A 259 18.60 -11.95 14.41
C CYS A 259 18.32 -10.76 15.32
N HIS A 260 18.32 -9.57 14.73
CA HIS A 260 18.07 -8.36 15.51
C HIS A 260 16.79 -7.66 15.08
N VAL A 261 15.87 -7.49 16.03
CA VAL A 261 14.58 -6.89 15.73
C VAL A 261 14.43 -5.48 16.32
N GLN A 262 14.39 -4.48 15.44
CA GLN A 262 14.12 -3.11 15.86
C GLN A 262 12.70 -2.73 15.50
N HIS A 263 11.92 -2.35 16.52
CA HIS A 263 10.57 -1.86 16.28
C HIS A 263 10.18 -0.75 17.26
N GLU A 264 9.19 0.03 16.88
CA GLU A 264 8.70 1.14 17.66
C GLU A 264 8.04 0.70 18.97
N GLY A 265 7.33 -0.42 18.93
CA GLY A 265 6.67 -0.95 20.12
C GLY A 265 7.59 -1.73 21.05
N LEU A 266 8.87 -1.77 20.72
CA LEU A 266 9.86 -2.45 21.55
C LEU A 266 10.64 -1.44 22.38
N PRO A 267 10.59 -1.58 23.71
CA PRO A 267 11.42 -0.74 24.60
C PRO A 267 12.87 -0.71 24.11
N LYS A 268 13.42 -1.90 23.87
CA LYS A 268 14.76 -2.02 23.29
C LYS A 268 14.80 -3.19 22.29
N PRO A 269 15.58 -3.03 21.22
CA PRO A 269 15.72 -4.03 20.14
C PRO A 269 15.99 -5.45 20.63
N LEU A 270 15.21 -6.40 20.11
CA LEU A 270 15.35 -7.80 20.49
C LEU A 270 16.50 -8.48 19.77
N THR A 271 16.95 -9.58 20.34
CA THR A 271 17.97 -10.42 19.74
C THR A 271 17.49 -11.85 19.86
N LEU A 272 17.63 -12.62 18.79
CA LEU A 272 17.23 -14.02 18.82
C LEU A 272 18.39 -14.93 18.42
N ARG A 273 18.23 -16.22 18.71
CA ARG A 273 19.20 -17.23 18.31
C ARG A 273 18.43 -18.53 18.14
N TRP A 274 18.98 -19.45 17.35
CA TRP A 274 18.37 -20.76 17.18
C TRP A 274 18.49 -21.61 18.46
N MET B 1 5.79 2.28 -22.86
CA MET B 1 4.84 2.21 -21.76
C MET B 1 5.36 1.33 -20.62
N ILE B 2 5.47 1.92 -19.43
CA ILE B 2 5.98 1.18 -18.27
C ILE B 2 5.00 0.10 -17.79
N GLN B 3 5.51 -1.13 -17.73
CA GLN B 3 4.76 -2.25 -17.18
C GLN B 3 5.65 -2.99 -16.21
N ARG B 4 5.13 -3.27 -15.03
CA ARG B 4 5.90 -3.97 -14.00
C ARG B 4 5.22 -5.26 -13.55
N THR B 5 6.02 -6.28 -13.28
CA THR B 5 5.53 -7.58 -12.88
C THR B 5 5.23 -7.60 -11.40
N PRO B 6 4.05 -8.13 -11.01
CA PRO B 6 3.71 -8.17 -9.58
C PRO B 6 4.59 -9.12 -8.76
N LYS B 7 5.04 -8.65 -7.59
CA LYS B 7 5.60 -9.56 -6.60
C LYS B 7 4.44 -10.27 -5.90
N ILE B 8 4.69 -11.49 -5.44
CA ILE B 8 3.64 -12.33 -4.87
C ILE B 8 4.10 -12.93 -3.55
N GLN B 9 3.23 -12.92 -2.55
CA GLN B 9 3.47 -13.66 -1.33
C GLN B 9 2.19 -14.38 -0.92
N VAL B 10 2.31 -15.69 -0.69
CA VAL B 10 1.19 -16.46 -0.19
C VAL B 10 1.48 -16.81 1.26
N TYR B 11 0.55 -16.52 2.14
CA TYR B 11 0.79 -16.71 3.57
C TYR B 11 -0.50 -16.68 4.38
N SER B 12 -0.43 -17.17 5.60
CA SER B 12 -1.59 -17.14 6.50
C SER B 12 -1.47 -16.01 7.52
N ARG B 13 -2.61 -15.57 8.06
CA ARG B 13 -2.62 -14.46 9.00
C ARG B 13 -1.90 -14.82 10.28
N HIS B 14 -2.09 -16.06 10.72
CA HIS B 14 -1.40 -16.60 11.89
C HIS B 14 -0.64 -17.86 11.45
N PRO B 15 0.35 -18.31 12.25
CA PRO B 15 1.00 -19.56 11.87
C PRO B 15 -0.04 -20.68 11.83
N ALA B 16 0.06 -21.55 10.84
CA ALA B 16 -0.99 -22.53 10.57
C ALA B 16 -1.05 -23.60 11.63
N GLU B 17 -2.21 -23.73 12.26
CA GLU B 17 -2.48 -24.86 13.15
C GLU B 17 -3.58 -25.70 12.54
N ASN B 18 -3.26 -26.97 12.26
CA ASN B 18 -4.21 -27.87 11.62
C ASN B 18 -5.50 -28.03 12.41
N GLY B 19 -6.63 -27.72 11.78
CA GLY B 19 -7.91 -27.83 12.44
C GLY B 19 -8.41 -26.54 13.08
N LYS B 20 -7.60 -25.49 13.04
CA LYS B 20 -8.01 -24.21 13.61
C LYS B 20 -8.29 -23.13 12.57
N SER B 21 -9.21 -22.23 12.89
CA SER B 21 -9.62 -21.18 11.98
C SER B 21 -8.51 -20.19 11.70
N ASN B 22 -8.37 -19.79 10.43
CA ASN B 22 -7.29 -18.91 10.02
C ASN B 22 -7.69 -18.16 8.76
N PHE B 23 -6.80 -17.29 8.29
CA PHE B 23 -7.02 -16.56 7.05
C PHE B 23 -5.87 -16.83 6.10
N LEU B 24 -6.20 -17.11 4.85
CA LEU B 24 -5.18 -17.32 3.82
C LEU B 24 -5.03 -16.05 3.00
N ASN B 25 -3.83 -15.51 2.95
CA ASN B 25 -3.59 -14.26 2.24
C ASN B 25 -2.76 -14.42 0.98
N CYS B 26 -3.06 -13.61 -0.03
CA CYS B 26 -2.19 -13.46 -1.19
C CYS B 26 -1.96 -11.99 -1.47
N TYR B 27 -0.74 -11.53 -1.19
CA TYR B 27 -0.37 -10.13 -1.32
C TYR B 27 0.32 -9.88 -2.67
N VAL B 28 -0.34 -9.14 -3.55
CA VAL B 28 0.28 -8.75 -4.82
C VAL B 28 0.70 -7.29 -4.77
N SER B 29 1.95 -7.02 -5.12
CA SER B 29 2.48 -5.66 -5.06
C SER B 29 3.47 -5.40 -6.19
N GLY B 30 3.81 -4.13 -6.37
CA GLY B 30 4.81 -3.75 -7.34
C GLY B 30 4.41 -3.93 -8.79
N PHE B 31 3.11 -4.03 -9.06
CA PHE B 31 2.66 -4.20 -10.44
C PHE B 31 2.13 -2.93 -11.10
N HIS B 32 2.17 -2.95 -12.43
CA HIS B 32 1.59 -1.90 -13.25
C HIS B 32 1.39 -2.48 -14.65
N PRO B 33 0.21 -2.24 -15.24
CA PRO B 33 -0.90 -1.40 -14.75
C PRO B 33 -1.78 -2.05 -13.67
N SER B 34 -2.84 -1.35 -13.27
CA SER B 34 -3.65 -1.73 -12.12
C SER B 34 -4.53 -2.97 -12.33
N ASP B 35 -4.84 -3.27 -13.59
CA ASP B 35 -5.65 -4.45 -13.90
C ASP B 35 -4.93 -5.74 -13.52
N ILE B 36 -5.62 -6.59 -12.75
CA ILE B 36 -5.05 -7.86 -12.30
C ILE B 36 -6.16 -8.80 -11.82
N GLU B 37 -5.91 -10.10 -11.94
CA GLU B 37 -6.86 -11.11 -11.49
C GLU B 37 -6.14 -12.05 -10.53
N VAL B 38 -6.60 -12.11 -9.29
CA VAL B 38 -5.96 -12.94 -8.28
C VAL B 38 -6.93 -13.98 -7.74
N ASP B 39 -6.52 -15.25 -7.81
CA ASP B 39 -7.35 -16.34 -7.33
C ASP B 39 -6.61 -17.16 -6.28
N LEU B 40 -7.36 -17.69 -5.32
CA LEU B 40 -6.83 -18.61 -4.34
C LEU B 40 -7.35 -20.00 -4.71
N LEU B 41 -6.44 -20.97 -4.79
CA LEU B 41 -6.79 -22.31 -5.20
C LEU B 41 -6.69 -23.29 -4.04
N LYS B 42 -7.80 -23.96 -3.74
CA LYS B 42 -7.76 -25.05 -2.77
C LYS B 42 -7.69 -26.38 -3.51
N ASN B 43 -6.57 -27.07 -3.34
CA ASN B 43 -6.31 -28.33 -4.05
C ASN B 43 -6.48 -28.23 -5.56
N GLY B 44 -6.03 -27.11 -6.12
CA GLY B 44 -6.06 -26.90 -7.56
C GLY B 44 -7.35 -26.29 -8.08
N GLU B 45 -8.28 -25.96 -7.18
CA GLU B 45 -9.58 -25.42 -7.57
C GLU B 45 -9.85 -24.05 -6.95
N ARG B 46 -10.39 -23.15 -7.77
CA ARG B 46 -10.68 -21.78 -7.33
C ARG B 46 -11.61 -21.77 -6.13
N ILE B 47 -11.39 -20.82 -5.23
CA ILE B 47 -12.26 -20.62 -4.08
C ILE B 47 -13.24 -19.48 -4.35
N GLU B 48 -14.52 -19.72 -4.15
CA GLU B 48 -15.51 -18.66 -4.29
C GLU B 48 -15.56 -17.82 -3.04
N LYS B 49 -16.00 -16.57 -3.19
CA LYS B 49 -16.01 -15.61 -2.09
C LYS B 49 -14.60 -15.43 -1.53
N VAL B 50 -13.76 -14.77 -2.32
CA VAL B 50 -12.45 -14.33 -1.87
C VAL B 50 -12.39 -12.82 -1.98
N GLU B 51 -12.23 -12.14 -0.84
CA GLU B 51 -12.24 -10.69 -0.81
C GLU B 51 -10.86 -10.09 -1.06
N HIS B 52 -10.83 -8.79 -1.32
CA HIS B 52 -9.57 -8.09 -1.52
C HIS B 52 -9.65 -6.67 -0.97
N SER B 53 -8.51 -6.09 -0.64
CA SER B 53 -8.46 -4.72 -0.14
C SER B 53 -8.73 -3.72 -1.27
N ASP B 54 -8.83 -2.44 -0.93
CA ASP B 54 -9.06 -1.41 -1.93
C ASP B 54 -7.77 -1.01 -2.63
N LEU B 55 -7.83 -0.79 -3.94
CA LEU B 55 -6.63 -0.50 -4.73
C LEU B 55 -5.90 0.75 -4.26
N SER B 56 -4.70 0.55 -3.74
CA SER B 56 -3.83 1.66 -3.35
C SER B 56 -2.46 1.44 -3.99
N PHE B 57 -1.52 2.34 -3.71
CA PHE B 57 -0.19 2.24 -4.28
C PHE B 57 0.92 2.84 -3.42
N SER B 58 2.15 2.46 -3.73
CA SER B 58 3.32 2.91 -2.99
C SER B 58 3.92 4.16 -3.64
N LYS B 59 4.96 4.70 -3.01
CA LYS B 59 5.61 5.93 -3.48
C LYS B 59 6.16 5.84 -4.90
N ASP B 60 6.49 4.63 -5.36
CA ASP B 60 6.97 4.43 -6.72
C ASP B 60 5.83 4.23 -7.72
N TRP B 61 4.61 4.53 -7.27
CA TRP B 61 3.39 4.44 -8.09
C TRP B 61 2.92 3.03 -8.39
N SER B 62 3.63 2.04 -7.87
CA SER B 62 3.27 0.66 -8.14
C SER B 62 2.14 0.23 -7.22
N PHE B 63 1.23 -0.58 -7.73
CA PHE B 63 0.04 -0.96 -6.99
C PHE B 63 0.27 -2.11 -6.01
N TYR B 64 -0.49 -2.12 -4.92
CA TYR B 64 -0.55 -3.29 -4.05
C TYR B 64 -2.00 -3.64 -3.71
N LEU B 65 -2.24 -4.89 -3.34
CA LEU B 65 -3.58 -5.42 -3.22
C LEU B 65 -3.57 -6.69 -2.38
N LEU B 66 -4.41 -6.74 -1.35
CA LEU B 66 -4.47 -7.92 -0.48
C LEU B 66 -5.74 -8.75 -0.68
N TYR B 67 -5.57 -9.92 -1.27
CA TYR B 67 -6.65 -10.90 -1.39
C TYR B 67 -6.61 -11.89 -0.23
N TYR B 68 -7.79 -12.34 0.21
CA TYR B 68 -7.87 -13.19 1.39
C TYR B 68 -9.19 -13.95 1.50
N THR B 69 -9.12 -15.11 2.14
CA THR B 69 -10.30 -15.88 2.50
C THR B 69 -10.09 -16.50 3.87
N GLU B 70 -11.17 -16.97 4.49
CA GLU B 70 -11.08 -17.62 5.78
C GLU B 70 -11.02 -19.12 5.56
N PHE B 71 -10.06 -19.78 6.20
CA PHE B 71 -9.91 -21.22 6.08
C PHE B 71 -9.38 -21.86 7.36
N THR B 72 -9.57 -23.17 7.49
CA THR B 72 -8.95 -23.93 8.58
C THR B 72 -8.02 -24.97 7.96
N PRO B 73 -6.69 -24.69 8.01
CA PRO B 73 -5.72 -25.59 7.38
C PRO B 73 -5.81 -27.02 7.88
N THR B 74 -5.69 -27.97 6.97
CA THR B 74 -5.55 -29.38 7.30
C THR B 74 -4.33 -29.88 6.54
N GLU B 75 -3.85 -31.07 6.86
CA GLU B 75 -2.64 -31.60 6.22
C GLU B 75 -2.87 -31.97 4.76
N LYS B 76 -4.00 -32.62 4.48
CA LYS B 76 -4.30 -33.10 3.15
C LYS B 76 -4.51 -31.98 2.13
N ASP B 77 -4.76 -30.75 2.61
CA ASP B 77 -5.09 -29.64 1.74
C ASP B 77 -3.87 -28.87 1.25
N GLU B 78 -3.79 -28.68 -0.06
CA GLU B 78 -2.78 -27.83 -0.67
C GLU B 78 -3.40 -26.49 -1.07
N TYR B 79 -2.66 -25.40 -0.88
CA TYR B 79 -3.16 -24.09 -1.28
C TYR B 79 -2.18 -23.35 -2.17
N ALA B 80 -2.72 -22.54 -3.09
CA ALA B 80 -1.91 -21.78 -4.02
C ALA B 80 -2.55 -20.45 -4.36
N CYS B 81 -1.75 -19.54 -4.90
CA CYS B 81 -2.27 -18.28 -5.41
C CYS B 81 -1.92 -18.13 -6.89
N ARG B 82 -2.97 -18.02 -7.71
CA ARG B 82 -2.80 -17.86 -9.14
C ARG B 82 -2.94 -16.37 -9.48
N VAL B 83 -1.88 -15.80 -10.05
CA VAL B 83 -1.87 -14.38 -10.37
C VAL B 83 -1.84 -14.13 -11.88
N ASN B 84 -2.82 -13.36 -12.37
CA ASN B 84 -2.94 -13.09 -13.79
C ASN B 84 -2.66 -11.63 -14.10
N HIS B 85 -1.58 -11.38 -14.84
CA HIS B 85 -1.21 -10.03 -15.20
C HIS B 85 -0.69 -10.01 -16.61
N VAL B 86 -0.89 -8.89 -17.32
CA VAL B 86 -0.50 -8.77 -18.71
C VAL B 86 1.01 -9.00 -18.88
N THR B 87 1.75 -8.77 -17.80
CA THR B 87 3.19 -8.89 -17.83
C THR B 87 3.63 -10.36 -17.86
N LEU B 88 2.69 -11.26 -17.61
CA LEU B 88 3.00 -12.69 -17.55
C LEU B 88 2.39 -13.43 -18.73
N SER B 89 3.22 -14.25 -19.38
CA SER B 89 2.82 -15.05 -20.53
C SER B 89 1.68 -15.99 -20.15
N GLN B 90 1.79 -16.54 -18.95
CA GLN B 90 0.74 -17.39 -18.40
C GLN B 90 0.65 -17.07 -16.91
N PRO B 91 -0.51 -17.34 -16.30
CA PRO B 91 -0.72 -17.09 -14.86
C PRO B 91 0.37 -17.72 -14.00
N LYS B 92 0.88 -16.96 -13.02
CA LYS B 92 1.92 -17.48 -12.15
C LYS B 92 1.28 -18.13 -10.93
N ILE B 93 1.66 -19.36 -10.65
CA ILE B 93 1.11 -20.05 -9.50
C ILE B 93 2.17 -20.17 -8.41
N VAL B 94 1.80 -19.74 -7.21
CA VAL B 94 2.68 -19.85 -6.06
C VAL B 94 2.02 -20.69 -4.99
N LYS B 95 2.64 -21.82 -4.68
CA LYS B 95 2.13 -22.70 -3.62
C LYS B 95 2.29 -22.05 -2.26
N TRP B 96 1.38 -22.37 -1.35
CA TRP B 96 1.47 -21.87 0.01
C TRP B 96 2.36 -22.78 0.85
N ASP B 97 3.42 -22.19 1.41
CA ASP B 97 4.33 -22.91 2.30
C ASP B 97 4.07 -22.43 3.73
N ARG B 98 3.99 -23.36 4.67
CA ARG B 98 3.73 -23.04 6.08
C ARG B 98 4.82 -22.20 6.74
N ASP B 99 6.00 -22.14 6.15
CA ASP B 99 7.07 -21.33 6.72
C ASP B 99 7.65 -20.30 5.76
N MET B 100 6.80 -19.73 4.92
CA MET B 100 7.18 -18.57 4.12
C MET B 100 6.01 -17.60 4.04
N THR C 1 -10.29 15.28 2.64
CA THR C 1 -9.96 15.44 1.26
C THR C 1 -10.07 16.87 0.93
N MET C 2 -9.29 17.26 -0.04
CA MET C 2 -9.32 18.62 -0.58
C MET C 2 -10.72 19.03 -0.97
N VAL C 3 -11.18 20.14 -0.42
CA VAL C 3 -12.43 20.72 -0.88
C VAL C 3 -12.15 21.36 -2.22
N MET C 4 -12.06 20.51 -3.25
CA MET C 4 -11.81 20.98 -4.61
C MET C 4 -13.01 21.77 -5.09
N GLU C 5 -13.14 22.98 -4.55
CA GLU C 5 -14.15 23.94 -4.99
C GLU C 5 -13.64 24.59 -6.27
N LEU C 6 -12.48 24.13 -6.74
CA LEU C 6 -11.78 24.75 -7.85
C LEU C 6 -11.80 23.94 -9.14
N ILE C 7 -10.77 23.11 -9.30
CA ILE C 7 -10.19 22.77 -10.60
C ILE C 7 -9.71 24.05 -11.31
N ARG C 8 -9.15 24.93 -10.47
CA ARG C 8 -8.08 25.84 -10.86
C ARG C 8 -6.85 24.95 -10.92
N MET C 9 -7.01 23.78 -11.54
CA MET C 9 -6.16 22.63 -11.31
C MET C 9 -6.42 21.57 -12.36
N ILE C 10 -6.98 21.96 -13.51
CA ILE C 10 -7.04 21.04 -14.62
C ILE C 10 -5.65 20.99 -15.24
N LYS C 11 -5.30 19.84 -15.82
CA LYS C 11 -3.96 19.65 -16.35
C LYS C 11 -3.84 20.17 -17.78
#